data_5WUK
#
_entry.id   5WUK
#
_cell.length_a   53.100
_cell.length_b   80.280
_cell.length_c   108.420
_cell.angle_alpha   90.000
_cell.angle_beta   90.000
_cell.angle_gamma   90.000
#
_symmetry.space_group_name_H-M   'P 21 21 21'
#
loop_
_entity.id
_entity.type
_entity.pdbx_description
1 polymer 'Polycomb protein EED'
2 polymer 'Histone-lysine N-methyltransferase EZH2'
3 non-polymer GLYCEROL
4 non-polymer N-(furan-2-ylmethyl)-8-(4-methylsulfonylphenyl)-[1,2,4]triazolo[4,3-c]pyrimidin-5-amine
5 water water
#
loop_
_entity_poly.entity_id
_entity_poly.type
_entity_poly.pdbx_seq_one_letter_code
_entity_poly.pdbx_strand_id
1 'polypeptide(L)'
;KKCKYSFKCVNSLKEDHNQPLFGVQFNWHSKEGDPLVFATVGSNRVTLYECHSQGEIRLLQSYVDADADENFYTCAWTYD
SNTSHPLLAVAGSRGIIRIINPITMQCIKHYVGHGNAINELKFHPRDPNLLLSVSKDHALRLWNIQTDTLVAIFGGVEGH
RDEVLSADYDLLGEKIMSCDMDHSLKLWRINSKRMMNAIKESYDYNPNKTNRPFISQKIHFPDFSTRDIHRNYVDCVRWL
GDLILSKSCENAIVCWKPGKMEDDIDKIKPSESNVTILGRFDYSQCDIWYMRFSMDFWQKMLALGNQVGKLYVWDLEVED
PHKAKCTTLTHHKCGAAIRQTSFSRDSSILIAVCDDASIWRWDRLR
;
A
2 'polypeptide(L)' MFSSNRQKILERTEILNQEWKQRRIQPV B
#
loop_
_chem_comp.id
_chem_comp.type
_chem_comp.name
_chem_comp.formula
73K non-polymer N-(furan-2-ylmethyl)-8-(4-methylsulfonylphenyl)-[1,2,4]triazolo[4,3-c]pyrimidin-5-amine 'C17 H15 N5 O3 S'
GOL non-polymer GLYCEROL 'C3 H8 O3'
#
# COMPACT_ATOMS: atom_id res chain seq x y z
N LYS A 1 6.81 -27.92 4.63
CA LYS A 1 5.83 -27.72 3.57
C LYS A 1 6.38 -26.89 2.40
N LYS A 2 5.55 -26.70 1.37
CA LYS A 2 5.87 -25.98 0.15
C LYS A 2 4.59 -25.26 -0.30
N CYS A 3 4.71 -24.39 -1.30
CA CYS A 3 3.54 -23.69 -1.82
C CYS A 3 2.78 -24.55 -2.80
N LYS A 4 1.44 -24.60 -2.67
CA LYS A 4 0.60 -25.35 -3.60
C LYS A 4 -0.29 -24.45 -4.46
N TYR A 5 -0.36 -23.14 -4.11
CA TYR A 5 -1.15 -22.13 -4.83
C TYR A 5 -0.86 -22.12 -6.31
N SER A 6 -1.91 -22.18 -7.12
CA SER A 6 -1.83 -22.18 -8.58
C SER A 6 -2.79 -21.14 -9.12
N PHE A 7 -2.45 -20.54 -10.25
CA PHE A 7 -3.25 -19.52 -10.92
C PHE A 7 -3.20 -19.78 -12.40
N LYS A 8 -4.22 -19.32 -13.11
CA LYS A 8 -4.32 -19.42 -14.55
C LYS A 8 -4.65 -18.04 -15.08
N CYS A 9 -3.93 -17.60 -16.12
CA CYS A 9 -4.19 -16.29 -16.72
C CYS A 9 -5.48 -16.45 -17.55
N VAL A 10 -6.53 -15.75 -17.16
CA VAL A 10 -7.82 -15.89 -17.82
C VAL A 10 -8.07 -14.77 -18.83
N ASN A 11 -7.38 -13.64 -18.69
CA ASN A 11 -7.58 -12.49 -19.55
C ASN A 11 -6.45 -11.49 -19.46
N SER A 12 -6.39 -10.59 -20.46
CA SER A 12 -5.46 -9.48 -20.56
C SER A 12 -6.04 -8.43 -21.48
N LEU A 13 -5.68 -7.16 -21.24
CA LEU A 13 -6.06 -6.05 -22.09
C LEU A 13 -5.02 -4.96 -22.01
N LYS A 14 -5.02 -4.06 -22.98
CA LYS A 14 -4.09 -2.93 -23.00
C LYS A 14 -4.93 -1.64 -23.02
N GLU A 15 -4.64 -0.70 -22.11
CA GLU A 15 -5.33 0.59 -22.02
C GLU A 15 -4.98 1.41 -23.28
N ASP A 16 -5.99 2.10 -23.88
CA ASP A 16 -5.79 2.78 -25.17
C ASP A 16 -4.75 3.93 -25.11
N HIS A 17 -4.55 4.61 -23.96
CA HIS A 17 -3.56 5.69 -23.84
C HIS A 17 -2.10 5.24 -24.10
N ASN A 18 -1.81 3.91 -23.96
CA ASN A 18 -0.50 3.30 -24.21
C ASN A 18 0.65 3.77 -23.27
N GLN A 19 0.33 4.36 -22.14
CA GLN A 19 1.32 4.84 -21.19
C GLN A 19 1.57 3.82 -20.07
N PRO A 20 2.73 3.87 -19.37
CA PRO A 20 2.94 2.92 -18.26
C PRO A 20 1.86 3.02 -17.19
N LEU A 21 1.46 1.85 -16.66
CA LEU A 21 0.52 1.80 -15.53
C LEU A 21 1.38 1.61 -14.30
N PHE A 22 1.27 2.55 -13.38
CA PHE A 22 2.15 2.52 -12.21
C PHE A 22 1.56 1.92 -10.95
N GLY A 23 0.24 1.84 -10.87
CA GLY A 23 -0.43 1.32 -9.69
C GLY A 23 -1.74 0.64 -9.94
N VAL A 24 -2.11 -0.27 -9.03
CA VAL A 24 -3.36 -1.01 -9.13
C VAL A 24 -3.80 -1.42 -7.75
N GLN A 25 -5.11 -1.29 -7.47
CA GLN A 25 -5.68 -1.72 -6.19
C GLN A 25 -7.09 -2.22 -6.38
N PHE A 26 -7.42 -3.39 -5.81
CA PHE A 26 -8.79 -3.86 -5.74
C PHE A 26 -9.45 -3.07 -4.61
N ASN A 27 -10.77 -2.92 -4.67
CA ASN A 27 -11.54 -2.27 -3.61
C ASN A 27 -11.85 -3.35 -2.58
N TRP A 28 -11.16 -3.34 -1.44
CA TRP A 28 -11.41 -4.34 -0.40
C TRP A 28 -12.57 -3.94 0.49
N HIS A 29 -13.17 -2.76 0.23
CA HIS A 29 -14.31 -2.30 1.02
C HIS A 29 -15.64 -2.82 0.52
N SER A 30 -15.67 -3.41 -0.69
CA SER A 30 -16.90 -3.95 -1.26
C SER A 30 -17.40 -5.13 -0.42
N LYS A 31 -18.71 -5.16 -0.16
CA LYS A 31 -19.31 -6.22 0.66
C LYS A 31 -19.41 -7.56 -0.08
N GLU A 32 -19.49 -8.68 0.67
CA GLU A 32 -19.60 -10.03 0.10
C GLU A 32 -20.85 -10.05 -0.80
N GLY A 33 -20.69 -10.58 -1.99
CA GLY A 33 -21.76 -10.64 -2.99
C GLY A 33 -21.66 -9.57 -4.04
N ASP A 34 -21.07 -8.41 -3.69
CA ASP A 34 -20.91 -7.33 -4.67
C ASP A 34 -19.74 -7.62 -5.61
N PRO A 35 -19.78 -7.13 -6.87
CA PRO A 35 -18.68 -7.40 -7.82
C PRO A 35 -17.28 -6.97 -7.38
N LEU A 36 -16.26 -7.69 -7.87
CA LEU A 36 -14.86 -7.43 -7.59
C LEU A 36 -14.38 -6.33 -8.53
N VAL A 37 -14.02 -5.18 -7.95
CA VAL A 37 -13.62 -3.98 -8.69
C VAL A 37 -12.19 -3.57 -8.34
N PHE A 38 -11.45 -3.11 -9.36
CA PHE A 38 -10.11 -2.61 -9.14
C PHE A 38 -9.90 -1.33 -9.90
N ALA A 39 -8.97 -0.51 -9.42
CA ALA A 39 -8.60 0.75 -10.05
C ALA A 39 -7.20 0.63 -10.59
N THR A 40 -6.91 1.25 -11.75
CA THR A 40 -5.52 1.32 -12.26
C THR A 40 -5.17 2.80 -12.37
N VAL A 41 -3.90 3.15 -12.17
CA VAL A 41 -3.43 4.54 -12.27
C VAL A 41 -2.17 4.60 -13.16
N GLY A 42 -2.13 5.58 -14.04
CA GLY A 42 -1.02 5.77 -14.96
C GLY A 42 -1.27 7.03 -15.73
N SER A 43 -0.20 7.77 -16.04
CA SER A 43 -0.30 9.05 -16.80
C SER A 43 -1.30 9.96 -16.01
N ASN A 44 -2.21 10.70 -16.68
CA ASN A 44 -3.20 11.52 -15.94
C ASN A 44 -4.54 10.76 -15.84
N ARG A 45 -4.48 9.41 -15.82
CA ARG A 45 -5.65 8.57 -15.84
C ARG A 45 -5.86 7.71 -14.60
N VAL A 46 -7.13 7.53 -14.26
CA VAL A 46 -7.57 6.63 -13.19
C VAL A 46 -8.68 5.83 -13.86
N THR A 47 -8.56 4.49 -13.92
CA THR A 47 -9.56 3.67 -14.63
C THR A 47 -10.13 2.58 -13.72
N LEU A 48 -11.46 2.42 -13.70
CA LEU A 48 -12.12 1.42 -12.88
C LEU A 48 -12.58 0.23 -13.71
N TYR A 49 -12.31 -0.97 -13.22
CA TYR A 49 -12.70 -2.20 -13.92
C TYR A 49 -13.43 -3.13 -13.00
N GLU A 50 -14.29 -3.96 -13.59
CA GLU A 50 -15.02 -4.99 -12.88
C GLU A 50 -14.56 -6.34 -13.38
N CYS A 51 -14.22 -7.26 -12.46
CA CYS A 51 -13.85 -8.64 -12.74
C CYS A 51 -15.12 -9.49 -12.78
N HIS A 52 -15.52 -9.91 -13.98
CA HIS A 52 -16.68 -10.77 -14.16
C HIS A 52 -16.28 -12.24 -14.26
N SER A 53 -17.29 -13.13 -14.25
CA SER A 53 -17.13 -14.57 -14.47
C SER A 53 -16.68 -14.77 -15.93
N GLN A 54 -16.03 -15.92 -16.23
CA GLN A 54 -15.52 -16.27 -17.58
C GLN A 54 -14.26 -15.46 -17.91
N GLY A 55 -13.67 -14.84 -16.89
CA GLY A 55 -12.46 -14.06 -16.99
C GLY A 55 -12.58 -12.64 -17.51
N GLU A 56 -13.82 -12.15 -17.76
CA GLU A 56 -14.08 -10.81 -18.31
C GLU A 56 -13.61 -9.65 -17.41
N ILE A 57 -12.84 -8.70 -18.00
CA ILE A 57 -12.36 -7.46 -17.36
C ILE A 57 -13.15 -6.35 -18.04
N ARG A 58 -14.29 -5.96 -17.43
CA ARG A 58 -15.21 -4.95 -17.96
C ARG A 58 -14.82 -3.57 -17.46
N LEU A 59 -14.57 -2.64 -18.40
CA LEU A 59 -14.26 -1.26 -18.10
C LEU A 59 -15.55 -0.62 -17.53
N LEU A 60 -15.45 -0.02 -16.34
CA LEU A 60 -16.57 0.64 -15.69
C LEU A 60 -16.56 2.15 -15.94
N GLN A 61 -15.47 2.81 -15.54
CA GLN A 61 -15.37 4.26 -15.62
C GLN A 61 -13.93 4.66 -15.92
N SER A 62 -13.76 5.82 -16.56
CA SER A 62 -12.45 6.38 -16.89
C SER A 62 -12.38 7.83 -16.43
N TYR A 63 -11.45 8.13 -15.54
CA TYR A 63 -11.20 9.50 -15.10
C TYR A 63 -9.97 10.00 -15.84
N VAL A 64 -10.04 11.24 -16.36
CA VAL A 64 -8.93 11.90 -17.06
C VAL A 64 -8.75 13.22 -16.32
N ASP A 65 -7.59 13.41 -15.67
CA ASP A 65 -7.32 14.66 -14.98
C ASP A 65 -7.20 15.82 -15.97
N ALA A 66 -7.80 17.00 -15.64
CA ALA A 66 -7.73 18.24 -16.44
C ALA A 66 -6.28 18.65 -16.69
N ASP A 67 -5.37 18.28 -15.78
CA ASP A 67 -3.94 18.58 -15.92
C ASP A 67 -3.33 17.43 -16.72
N ALA A 68 -3.03 17.71 -17.99
CA ALA A 68 -2.47 16.72 -18.91
C ALA A 68 -1.07 16.22 -18.48
N ASP A 69 -0.34 17.02 -17.67
CA ASP A 69 1.02 16.73 -17.18
C ASP A 69 1.07 15.99 -15.85
N GLU A 70 -0.08 15.67 -15.28
CA GLU A 70 -0.14 14.87 -14.06
C GLU A 70 0.26 13.42 -14.38
N ASN A 71 1.02 12.79 -13.48
CA ASN A 71 1.41 11.39 -13.61
C ASN A 71 1.08 10.67 -12.31
N PHE A 72 -0.06 9.92 -12.26
CA PHE A 72 -0.47 9.19 -11.06
C PHE A 72 0.41 7.98 -10.78
N TYR A 73 0.92 7.87 -9.55
CA TYR A 73 1.80 6.76 -9.18
C TYR A 73 1.13 5.79 -8.26
N THR A 74 0.05 6.21 -7.62
CA THR A 74 -0.57 5.39 -6.60
C THR A 74 -2.05 5.74 -6.42
N CYS A 75 -2.79 4.79 -5.84
CA CYS A 75 -4.18 4.92 -5.44
C CYS A 75 -4.46 4.10 -4.19
N ALA A 76 -5.51 4.46 -3.46
CA ALA A 76 -5.90 3.73 -2.25
C ALA A 76 -7.40 3.94 -2.07
N TRP A 77 -8.10 2.87 -1.77
CA TRP A 77 -9.54 2.95 -1.57
C TRP A 77 -9.90 3.22 -0.13
N THR A 78 -11.02 3.91 0.08
CA THR A 78 -11.60 4.09 1.40
C THR A 78 -13.11 4.19 1.28
N TYR A 79 -13.81 4.62 2.35
CA TYR A 79 -15.24 4.89 2.35
C TYR A 79 -15.57 6.10 3.24
N ASP A 80 -16.69 6.78 2.94
CA ASP A 80 -17.17 7.90 3.76
C ASP A 80 -17.86 7.21 4.97
N SER A 81 -17.36 7.46 6.21
CA SER A 81 -17.87 6.82 7.44
C SER A 81 -19.32 7.19 7.81
N ASN A 82 -19.86 8.27 7.21
CA ASN A 82 -21.24 8.68 7.45
C ASN A 82 -22.25 8.15 6.44
N THR A 83 -21.88 8.04 5.15
CA THR A 83 -22.82 7.59 4.11
C THR A 83 -22.55 6.19 3.53
N SER A 84 -21.42 5.54 3.93
CA SER A 84 -20.97 4.23 3.42
C SER A 84 -20.65 4.27 1.90
N HIS A 85 -20.45 5.47 1.36
CA HIS A 85 -20.15 5.69 -0.05
C HIS A 85 -18.63 5.40 -0.30
N PRO A 86 -18.27 4.58 -1.32
CA PRO A 86 -16.84 4.30 -1.57
C PRO A 86 -16.09 5.52 -2.06
N LEU A 87 -14.78 5.62 -1.76
CA LEU A 87 -13.93 6.73 -2.19
C LEU A 87 -12.59 6.20 -2.67
N LEU A 88 -11.96 6.91 -3.61
CA LEU A 88 -10.66 6.54 -4.15
C LEU A 88 -9.71 7.73 -4.09
N ALA A 89 -8.58 7.57 -3.42
CA ALA A 89 -7.58 8.64 -3.33
C ALA A 89 -6.45 8.31 -4.32
N VAL A 90 -6.00 9.29 -5.09
CA VAL A 90 -4.93 9.10 -6.08
C VAL A 90 -3.92 10.26 -5.94
N ALA A 91 -2.66 9.99 -6.30
CA ALA A 91 -1.63 11.01 -6.23
C ALA A 91 -0.44 10.58 -7.08
N GLY A 92 0.37 11.55 -7.45
CA GLY A 92 1.56 11.31 -8.23
C GLY A 92 2.49 12.48 -8.30
N SER A 93 3.00 12.76 -9.52
CA SER A 93 4.04 13.73 -9.81
C SER A 93 3.70 15.15 -9.38
N ARG A 94 2.42 15.56 -9.44
CA ARG A 94 2.08 16.93 -9.02
C ARG A 94 2.11 17.14 -7.51
N GLY A 95 2.19 16.06 -6.73
CA GLY A 95 2.20 16.17 -5.27
C GLY A 95 0.87 16.59 -4.69
N ILE A 96 -0.22 16.32 -5.41
CA ILE A 96 -1.58 16.68 -5.01
C ILE A 96 -2.37 15.41 -4.76
N ILE A 97 -3.07 15.34 -3.63
CA ILE A 97 -3.90 14.16 -3.40
C ILE A 97 -5.27 14.50 -3.95
N ARG A 98 -5.82 13.63 -4.79
CA ARG A 98 -7.17 13.83 -5.31
C ARG A 98 -8.09 12.75 -4.82
N ILE A 99 -9.24 13.15 -4.28
CA ILE A 99 -10.27 12.25 -3.78
C ILE A 99 -11.31 12.16 -4.89
N ILE A 100 -11.52 10.94 -5.41
CA ILE A 100 -12.43 10.68 -6.50
C ILE A 100 -13.65 9.95 -5.98
N ASN A 101 -14.83 10.37 -6.45
CA ASN A 101 -16.09 9.66 -6.17
C ASN A 101 -16.06 8.52 -7.22
N PRO A 102 -15.89 7.22 -6.86
CA PRO A 102 -15.75 6.18 -7.89
C PRO A 102 -17.01 5.83 -8.67
N ILE A 103 -18.18 6.30 -8.21
CA ILE A 103 -19.45 6.05 -8.91
C ILE A 103 -19.61 7.10 -10.03
N THR A 104 -19.38 8.39 -9.73
CA THR A 104 -19.50 9.46 -10.75
C THR A 104 -18.21 9.61 -11.54
N MET A 105 -17.09 9.08 -10.99
CA MET A 105 -15.71 9.18 -11.50
C MET A 105 -15.29 10.66 -11.61
N GLN A 106 -15.70 11.45 -10.62
CA GLN A 106 -15.39 12.86 -10.53
C GLN A 106 -14.52 13.16 -9.30
N CYS A 107 -13.59 14.10 -9.43
CA CYS A 107 -12.78 14.51 -8.31
C CYS A 107 -13.64 15.41 -7.40
N ILE A 108 -13.88 14.96 -6.15
CA ILE A 108 -14.66 15.67 -5.14
C ILE A 108 -13.83 16.80 -4.55
N LYS A 109 -12.54 16.50 -4.21
CA LYS A 109 -11.61 17.45 -3.57
C LYS A 109 -10.15 17.06 -3.71
N HIS A 110 -9.25 18.02 -3.40
CA HIS A 110 -7.83 17.80 -3.47
C HIS A 110 -7.07 18.39 -2.28
N TYR A 111 -5.94 17.76 -1.95
CA TYR A 111 -5.07 18.19 -0.85
C TYR A 111 -3.70 18.59 -1.37
N VAL A 112 -3.40 19.90 -1.28
CA VAL A 112 -2.12 20.50 -1.68
C VAL A 112 -1.29 20.61 -0.36
N GLY A 113 0.05 20.67 -0.46
CA GLY A 113 0.89 20.79 0.71
C GLY A 113 2.25 20.16 0.56
N HIS A 114 2.35 18.92 -0.01
CA HIS A 114 3.66 18.32 -0.22
C HIS A 114 4.47 19.20 -1.20
N GLY A 115 5.77 19.31 -0.99
CA GLY A 115 6.63 20.15 -1.83
C GLY A 115 7.17 19.45 -3.05
N ASN A 116 6.73 18.20 -3.28
CA ASN A 116 7.19 17.39 -4.41
C ASN A 116 6.21 16.24 -4.60
N ALA A 117 6.50 15.36 -5.59
CA ALA A 117 5.71 14.19 -5.95
C ALA A 117 5.35 13.28 -4.78
N ILE A 118 4.18 12.63 -4.87
CA ILE A 118 3.72 11.64 -3.91
C ILE A 118 3.94 10.25 -4.51
N ASN A 119 4.65 9.37 -3.76
CA ASN A 119 4.94 7.99 -4.18
C ASN A 119 3.91 7.02 -3.67
N GLU A 120 3.37 7.25 -2.47
CA GLU A 120 2.49 6.29 -1.86
C GLU A 120 1.37 6.91 -1.03
N LEU A 121 0.19 6.24 -1.01
CA LEU A 121 -0.98 6.63 -0.23
C LEU A 121 -1.46 5.39 0.48
N LYS A 122 -1.76 5.50 1.78
CA LYS A 122 -2.27 4.37 2.59
C LYS A 122 -3.32 4.89 3.53
N PHE A 123 -4.45 4.20 3.62
CA PHE A 123 -5.50 4.55 4.58
C PHE A 123 -5.31 3.71 5.84
N HIS A 124 -5.56 4.32 7.00
CA HIS A 124 -5.49 3.64 8.30
C HIS A 124 -6.42 2.38 8.30
N PRO A 125 -5.98 1.23 8.85
CA PRO A 125 -6.82 0.02 8.79
C PRO A 125 -8.14 0.04 9.60
N ARG A 126 -8.26 0.96 10.59
CA ARG A 126 -9.47 1.05 11.43
C ARG A 126 -10.25 2.31 11.16
N ASP A 127 -9.56 3.38 10.83
CA ASP A 127 -10.18 4.68 10.59
C ASP A 127 -10.07 5.04 9.11
N PRO A 128 -11.25 5.00 8.41
CA PRO A 128 -11.26 5.26 6.96
C PRO A 128 -10.94 6.70 6.58
N ASN A 129 -10.92 7.62 7.55
CA ASN A 129 -10.66 9.03 7.27
C ASN A 129 -9.20 9.38 7.36
N LEU A 130 -8.36 8.47 7.89
CA LEU A 130 -6.95 8.78 8.11
C LEU A 130 -6.08 8.32 6.97
N LEU A 131 -5.63 9.30 6.17
CA LEU A 131 -4.84 9.08 4.97
C LEU A 131 -3.40 9.46 5.16
N LEU A 132 -2.49 8.53 4.87
CA LEU A 132 -1.04 8.76 4.96
C LEU A 132 -0.46 8.90 3.56
N SER A 133 0.27 9.99 3.33
CA SER A 133 0.93 10.23 2.04
C SER A 133 2.44 10.26 2.26
N VAL A 134 3.21 9.74 1.29
CA VAL A 134 4.68 9.66 1.41
C VAL A 134 5.28 10.32 0.18
N SER A 135 6.24 11.23 0.38
CA SER A 135 6.67 12.06 -0.71
C SER A 135 8.15 12.16 -0.99
N LYS A 136 8.46 12.62 -2.23
CA LYS A 136 9.81 12.96 -2.68
C LYS A 136 10.29 14.22 -1.91
N ASP A 137 9.39 14.88 -1.16
CA ASP A 137 9.80 16.06 -0.34
C ASP A 137 10.48 15.65 1.00
N HIS A 138 10.70 14.33 1.24
CA HIS A 138 11.38 13.78 2.44
C HIS A 138 10.41 13.58 3.62
N ALA A 139 9.12 13.86 3.43
CA ALA A 139 8.19 13.74 4.55
C ALA A 139 7.01 12.79 4.28
N LEU A 140 6.38 12.38 5.36
CA LEU A 140 5.13 11.67 5.40
C LEU A 140 4.13 12.69 5.97
N ARG A 141 2.90 12.62 5.52
CA ARG A 141 1.85 13.49 6.06
C ARG A 141 0.65 12.64 6.38
N LEU A 142 -0.01 12.91 7.52
CA LEU A 142 -1.23 12.23 7.93
C LEU A 142 -2.38 13.24 7.85
N TRP A 143 -3.38 12.91 7.05
CA TRP A 143 -4.54 13.76 6.80
C TRP A 143 -5.79 13.15 7.36
N ASN A 144 -6.73 14.00 7.79
CA ASN A 144 -8.05 13.57 8.19
C ASN A 144 -8.93 14.05 7.01
N ILE A 145 -9.43 13.12 6.18
CA ILE A 145 -10.18 13.49 4.97
C ILE A 145 -11.65 13.78 5.25
N GLN A 146 -12.09 13.64 6.51
CA GLN A 146 -13.46 13.99 6.87
C GLN A 146 -13.48 15.47 7.20
N THR A 147 -12.49 15.95 7.95
CA THR A 147 -12.48 17.37 8.36
C THR A 147 -11.54 18.23 7.51
N ASP A 148 -10.92 17.64 6.45
CA ASP A 148 -9.97 18.33 5.53
C ASP A 148 -8.79 18.96 6.28
N THR A 149 -8.24 18.22 7.24
CA THR A 149 -7.14 18.73 8.05
C THR A 149 -5.87 17.94 7.88
N LEU A 150 -4.72 18.64 8.04
CA LEU A 150 -3.43 18.00 8.08
C LEU A 150 -3.18 17.69 9.59
N VAL A 151 -3.17 16.41 9.97
CA VAL A 151 -3.00 16.00 11.36
C VAL A 151 -1.53 16.14 11.78
N ALA A 152 -0.62 15.60 10.96
CA ALA A 152 0.78 15.55 11.29
C ALA A 152 1.66 15.49 10.07
N ILE A 153 2.91 15.99 10.22
CA ILE A 153 3.99 15.92 9.24
C ILE A 153 5.10 15.15 9.98
N PHE A 154 5.56 14.05 9.37
CA PHE A 154 6.61 13.20 9.93
C PHE A 154 7.87 13.53 9.17
N GLY A 155 8.71 14.33 9.79
CA GLY A 155 9.92 14.79 9.12
C GLY A 155 10.65 15.84 9.90
N GLY A 156 11.89 16.06 9.54
CA GLY A 156 12.73 17.02 10.25
C GLY A 156 14.12 16.47 10.42
N VAL A 157 14.81 16.89 11.49
CA VAL A 157 16.20 16.55 11.74
C VAL A 157 16.45 15.02 11.73
N GLU A 158 15.58 14.23 12.36
CA GLU A 158 15.73 12.77 12.36
C GLU A 158 14.72 12.07 11.44
N GLY A 159 14.03 12.83 10.60
CA GLY A 159 13.14 12.24 9.61
C GLY A 159 13.96 11.75 8.42
N HIS A 160 13.27 11.31 7.37
CA HIS A 160 13.97 10.86 6.16
C HIS A 160 14.79 12.05 5.59
N ARG A 161 15.98 11.79 5.02
CA ARG A 161 16.84 12.84 4.47
C ARG A 161 16.90 12.71 2.94
N ASP A 162 15.99 11.91 2.37
CA ASP A 162 15.88 11.74 0.92
C ASP A 162 14.43 11.36 0.61
N GLU A 163 14.09 11.31 -0.67
CA GLU A 163 12.78 10.93 -1.15
C GLU A 163 12.22 9.71 -0.40
N VAL A 164 11.01 9.84 0.19
CA VAL A 164 10.34 8.73 0.90
C VAL A 164 9.61 7.92 -0.18
N LEU A 165 9.86 6.61 -0.20
CA LEU A 165 9.33 5.77 -1.27
C LEU A 165 8.09 4.98 -0.91
N SER A 166 8.02 4.49 0.34
CA SER A 166 6.92 3.63 0.72
C SER A 166 6.68 3.75 2.22
N ALA A 167 5.48 3.31 2.67
CA ALA A 167 5.11 3.27 4.09
C ALA A 167 3.98 2.28 4.28
N ASP A 168 3.81 1.76 5.49
CA ASP A 168 2.73 0.83 5.77
C ASP A 168 2.32 0.97 7.22
N TYR A 169 1.01 0.96 7.47
CA TYR A 169 0.51 0.88 8.84
C TYR A 169 0.59 -0.61 9.20
N ASP A 170 0.66 -0.94 10.52
CA ASP A 170 0.61 -2.32 10.99
C ASP A 170 -0.89 -2.72 10.98
N LEU A 171 -1.19 -3.97 11.28
CA LEU A 171 -2.58 -4.46 11.19
C LEU A 171 -3.60 -3.69 12.01
N LEU A 172 -3.25 -3.30 13.23
CA LEU A 172 -4.18 -2.57 14.08
C LEU A 172 -4.06 -1.05 13.98
N GLY A 173 -3.17 -0.54 13.14
CA GLY A 173 -3.02 0.90 12.95
C GLY A 173 -2.49 1.65 14.15
N GLU A 174 -1.51 1.05 14.85
CA GLU A 174 -0.87 1.70 15.99
C GLU A 174 0.44 2.32 15.59
N LYS A 175 1.03 1.87 14.46
CA LYS A 175 2.37 2.30 14.04
C LYS A 175 2.61 2.22 12.54
N ILE A 176 3.55 3.02 12.05
CA ILE A 176 3.90 3.11 10.63
C ILE A 176 5.37 2.77 10.46
N MET A 177 5.69 1.98 9.43
CA MET A 177 7.06 1.76 9.01
C MET A 177 7.19 2.46 7.64
N SER A 178 8.22 3.30 7.46
CA SER A 178 8.44 4.00 6.19
C SER A 178 9.89 3.78 5.72
N CYS A 179 10.17 3.99 4.41
CA CYS A 179 11.51 3.76 3.88
C CYS A 179 11.86 4.72 2.78
N ASP A 180 13.16 4.95 2.55
CA ASP A 180 13.56 5.96 1.60
C ASP A 180 14.68 5.57 0.62
N MET A 181 14.97 6.50 -0.27
CA MET A 181 16.03 6.41 -1.30
C MET A 181 17.42 6.30 -0.68
N ASP A 182 17.58 6.81 0.55
CA ASP A 182 18.85 6.83 1.32
C ASP A 182 19.03 5.56 2.20
N HIS A 183 18.34 4.45 1.82
CA HIS A 183 18.39 3.11 2.45
C HIS A 183 17.87 3.09 3.90
N SER A 184 17.14 4.12 4.35
CA SER A 184 16.69 4.13 5.74
C SER A 184 15.27 3.65 5.93
N LEU A 185 15.02 2.90 7.01
CA LEU A 185 13.69 2.47 7.39
C LEU A 185 13.40 3.04 8.78
N LYS A 186 12.28 3.72 8.90
CA LYS A 186 11.90 4.39 10.14
C LYS A 186 10.52 4.00 10.66
N LEU A 187 10.40 3.90 11.99
CA LEU A 187 9.15 3.56 12.68
C LEU A 187 8.54 4.82 13.29
N TRP A 188 7.23 5.00 13.16
CA TRP A 188 6.52 6.13 13.76
C TRP A 188 5.30 5.59 14.46
N ARG A 189 5.31 5.62 15.81
CA ARG A 189 4.17 5.14 16.59
C ARG A 189 3.08 6.20 16.57
N ILE A 190 1.84 5.81 16.23
CA ILE A 190 0.72 6.76 16.16
C ILE A 190 -0.29 6.49 17.27
N ASN A 191 0.01 5.55 18.20
CA ASN A 191 -0.82 5.24 19.37
C ASN A 191 -0.27 5.98 20.59
N SER A 192 0.65 6.95 20.36
CA SER A 192 1.18 7.78 21.45
C SER A 192 0.05 8.74 21.86
N LYS A 193 0.11 9.26 23.10
CA LYS A 193 -0.87 10.22 23.61
C LYS A 193 -0.90 11.47 22.69
N ARG A 194 0.28 11.95 22.26
CA ARG A 194 0.42 13.12 21.36
C ARG A 194 -0.34 12.88 20.05
N MET A 195 -0.12 11.73 19.40
CA MET A 195 -0.76 11.42 18.13
C MET A 195 -2.26 11.16 18.27
N MET A 196 -2.66 10.45 19.34
CA MET A 196 -4.08 10.18 19.63
C MET A 196 -4.84 11.48 19.89
N ASN A 197 -4.22 12.44 20.63
CA ASN A 197 -4.82 13.76 20.87
C ASN A 197 -4.90 14.60 19.61
N ALA A 198 -3.87 14.53 18.73
CA ALA A 198 -3.88 15.25 17.44
C ALA A 198 -5.01 14.74 16.54
N ILE A 199 -5.24 13.42 16.49
CA ILE A 199 -6.32 12.82 15.71
C ILE A 199 -7.69 13.30 16.24
N LYS A 200 -7.92 13.24 17.58
CA LYS A 200 -9.13 13.73 18.24
C LYS A 200 -9.35 15.22 17.88
N GLU A 201 -8.32 16.05 18.02
CA GLU A 201 -8.42 17.47 17.68
C GLU A 201 -8.77 17.73 16.21
N SER A 202 -8.25 16.91 15.28
CA SER A 202 -8.56 17.06 13.86
C SER A 202 -10.06 16.79 13.59
N TYR A 203 -10.68 15.87 14.36
CA TYR A 203 -12.12 15.55 14.24
C TYR A 203 -13.01 16.69 14.73
N ASP A 204 -12.49 17.49 15.67
CA ASP A 204 -13.24 18.61 16.24
C ASP A 204 -13.12 19.89 15.39
N TYR A 205 -12.08 19.98 14.56
CA TYR A 205 -11.87 21.14 13.71
C TYR A 205 -12.93 21.35 12.64
N ASN A 206 -13.40 22.59 12.51
CA ASN A 206 -14.30 23.01 11.42
C ASN A 206 -13.97 24.49 11.13
N PRO A 207 -13.58 24.85 9.87
CA PRO A 207 -13.24 26.28 9.61
C PRO A 207 -14.39 27.26 9.72
N ASN A 208 -15.63 26.76 9.86
CA ASN A 208 -16.78 27.63 10.05
C ASN A 208 -16.99 28.05 11.50
N LYS A 209 -16.28 27.40 12.44
CA LYS A 209 -16.49 27.78 13.86
C LYS A 209 -15.27 28.48 14.49
N THR A 210 -14.25 28.76 13.68
CA THR A 210 -13.05 29.46 14.14
C THR A 210 -12.40 30.21 12.97
N ASN A 211 -11.74 31.32 13.28
CA ASN A 211 -10.96 32.07 12.29
C ASN A 211 -9.46 31.63 12.38
N ARG A 212 -9.15 30.64 13.22
CA ARG A 212 -7.78 30.15 13.40
C ARG A 212 -7.49 28.86 12.64
N PRO A 213 -6.33 28.74 11.97
CA PRO A 213 -6.05 27.49 11.26
C PRO A 213 -5.76 26.31 12.21
N PHE A 214 -6.03 25.10 11.73
CA PHE A 214 -5.72 23.89 12.49
C PHE A 214 -4.19 23.70 12.49
N ILE A 215 -3.60 23.42 13.66
CA ILE A 215 -2.16 23.22 13.80
C ILE A 215 -1.80 21.74 13.73
N SER A 216 -1.03 21.38 12.70
CA SER A 216 -0.59 19.99 12.54
C SER A 216 0.54 19.72 13.54
N GLN A 217 0.69 18.46 13.95
CA GLN A 217 1.80 18.04 14.82
C GLN A 217 3.06 17.91 13.96
N LYS A 218 4.21 18.40 14.43
CA LYS A 218 5.46 18.29 13.68
C LYS A 218 6.27 17.21 14.39
N ILE A 219 6.31 16.00 13.81
CA ILE A 219 7.02 14.85 14.38
C ILE A 219 8.38 14.80 13.74
N HIS A 220 9.40 15.23 14.49
CA HIS A 220 10.78 15.32 13.99
C HIS A 220 11.59 14.08 14.32
N PHE A 221 11.11 13.26 15.23
CA PHE A 221 11.86 12.09 15.65
C PHE A 221 11.07 10.78 15.48
N PRO A 222 11.64 9.77 14.78
CA PRO A 222 10.96 8.47 14.68
C PRO A 222 11.17 7.67 15.97
N ASP A 223 10.41 6.58 16.11
CA ASP A 223 10.45 5.70 17.26
C ASP A 223 11.45 4.54 17.13
N PHE A 224 12.15 4.48 15.99
CA PHE A 224 13.21 3.51 15.61
C PHE A 224 13.70 3.95 14.24
N SER A 225 15.00 3.75 13.96
CA SER A 225 15.54 4.01 12.63
C SER A 225 16.68 3.05 12.31
N THR A 226 16.82 2.63 11.04
CA THR A 226 17.93 1.77 10.63
C THR A 226 18.35 2.05 9.20
N ARG A 227 19.65 1.90 8.94
CA ARG A 227 20.23 1.99 7.60
C ARG A 227 21.10 0.74 7.46
N ASP A 228 20.80 -0.30 8.27
CA ASP A 228 21.63 -1.52 8.35
C ASP A 228 20.94 -2.78 7.82
N ILE A 229 20.00 -2.62 6.86
CA ILE A 229 19.31 -3.75 6.22
C ILE A 229 19.70 -3.86 4.76
N HIS A 230 19.41 -2.81 3.98
CA HIS A 230 19.71 -2.79 2.56
C HIS A 230 20.90 -1.87 2.32
N ARG A 231 21.54 -1.98 1.16
CA ARG A 231 22.72 -1.17 0.83
C ARG A 231 22.39 -0.11 -0.23
N ASN A 232 21.10 0.02 -0.59
CA ASN A 232 20.63 0.93 -1.63
C ASN A 232 19.19 1.32 -1.29
N TYR A 233 18.52 2.04 -2.22
CA TYR A 233 17.13 2.51 -2.10
C TYR A 233 16.23 1.40 -1.58
N VAL A 234 15.21 1.76 -0.81
CA VAL A 234 14.24 0.77 -0.34
C VAL A 234 12.88 1.29 -0.87
N ASP A 235 12.33 0.65 -1.93
CA ASP A 235 11.13 1.23 -2.57
C ASP A 235 9.81 0.57 -2.19
N CYS A 236 9.86 -0.40 -1.26
CA CYS A 236 8.63 -1.06 -0.81
C CYS A 236 8.80 -1.62 0.59
N VAL A 237 7.89 -1.28 1.51
CA VAL A 237 7.91 -1.80 2.87
C VAL A 237 6.49 -2.19 3.27
N ARG A 238 6.35 -3.32 3.96
CA ARG A 238 5.09 -3.79 4.51
C ARG A 238 5.35 -4.49 5.82
N TRP A 239 4.41 -4.36 6.76
CA TRP A 239 4.47 -5.13 7.98
C TRP A 239 3.99 -6.56 7.66
N LEU A 240 4.60 -7.55 8.31
CA LEU A 240 4.18 -8.95 8.29
C LEU A 240 4.05 -9.30 9.78
N GLY A 241 2.89 -8.97 10.36
CA GLY A 241 2.67 -9.09 11.80
C GLY A 241 3.54 -8.06 12.50
N ASP A 242 4.48 -8.50 13.37
CA ASP A 242 5.42 -7.58 14.04
C ASP A 242 6.73 -7.46 13.25
N LEU A 243 6.85 -8.26 12.18
CA LEU A 243 8.05 -8.29 11.33
C LEU A 243 7.87 -7.37 10.15
N ILE A 244 8.97 -7.10 9.46
CA ILE A 244 9.02 -6.20 8.32
C ILE A 244 9.48 -6.93 7.08
N LEU A 245 8.89 -6.59 5.94
CA LEU A 245 9.28 -7.03 4.59
C LEU A 245 9.64 -5.77 3.84
N SER A 246 10.83 -5.74 3.26
CA SER A 246 11.32 -4.60 2.50
C SER A 246 12.23 -5.07 1.38
N LYS A 247 12.28 -4.31 0.29
CA LYS A 247 13.11 -4.72 -0.83
C LYS A 247 13.92 -3.55 -1.33
N SER A 248 15.08 -3.87 -1.87
CA SER A 248 15.99 -2.92 -2.50
C SER A 248 16.30 -3.47 -3.94
N CYS A 249 17.56 -3.40 -4.39
CA CYS A 249 18.03 -3.83 -5.71
C CYS A 249 18.57 -5.28 -5.72
N GLU A 250 18.64 -5.92 -4.55
CA GLU A 250 19.25 -7.25 -4.28
C GLU A 250 18.48 -8.49 -4.79
N ASN A 251 17.37 -8.31 -5.49
CA ASN A 251 16.53 -9.40 -6.02
C ASN A 251 16.04 -10.35 -4.90
N ALA A 252 15.63 -9.75 -3.77
CA ALA A 252 15.07 -10.42 -2.61
C ALA A 252 14.20 -9.48 -1.78
N ILE A 253 13.09 -9.99 -1.26
CA ILE A 253 12.28 -9.26 -0.30
C ILE A 253 12.86 -9.77 1.03
N VAL A 254 13.44 -8.85 1.79
CA VAL A 254 14.09 -9.15 3.08
C VAL A 254 13.09 -9.13 4.23
N CYS A 255 13.01 -10.23 5.03
CA CYS A 255 12.20 -10.28 6.23
C CYS A 255 13.14 -10.00 7.42
N TRP A 256 12.83 -8.94 8.18
CA TRP A 256 13.69 -8.53 9.28
C TRP A 256 12.88 -7.91 10.41
N LYS A 257 13.55 -7.67 11.54
CA LYS A 257 12.90 -7.01 12.66
C LYS A 257 13.84 -6.06 13.39
N PRO A 258 13.28 -4.97 13.97
CA PRO A 258 14.08 -4.10 14.84
C PRO A 258 14.50 -4.89 16.08
N GLY A 259 15.67 -4.55 16.62
CA GLY A 259 16.22 -5.18 17.82
C GLY A 259 16.83 -6.54 17.57
N LYS A 260 17.07 -7.27 18.67
CA LYS A 260 17.60 -8.62 18.60
C LYS A 260 16.42 -9.59 18.39
N MET A 261 16.71 -10.87 18.08
CA MET A 261 15.73 -11.95 17.83
C MET A 261 14.55 -11.98 18.82
N GLU A 262 14.83 -11.90 20.13
CA GLU A 262 13.82 -11.99 21.19
C GLU A 262 13.07 -10.69 21.52
N ASP A 263 13.51 -9.54 20.98
CA ASP A 263 12.92 -8.25 21.31
C ASP A 263 11.49 -8.08 20.79
N ASP A 264 10.58 -7.66 21.68
CA ASP A 264 9.19 -7.37 21.38
C ASP A 264 9.18 -6.02 20.64
N ILE A 265 8.41 -5.93 19.55
CA ILE A 265 8.30 -4.68 18.77
C ILE A 265 7.85 -3.50 19.65
N ASP A 266 6.96 -3.74 20.64
CA ASP A 266 6.45 -2.65 21.49
C ASP A 266 7.38 -2.32 22.67
N LYS A 267 8.50 -3.03 22.81
CA LYS A 267 9.50 -2.71 23.82
C LYS A 267 10.73 -2.04 23.13
N ILE A 268 10.72 -1.93 21.79
CA ILE A 268 11.79 -1.27 21.02
C ILE A 268 11.84 0.22 21.40
N LYS A 269 13.02 0.71 21.79
CA LYS A 269 13.25 2.11 22.17
C LYS A 269 13.80 2.89 20.96
N PRO A 270 13.60 4.23 20.86
CA PRO A 270 14.11 4.96 19.68
C PRO A 270 15.62 4.87 19.45
N SER A 271 16.39 4.63 20.51
CA SER A 271 17.86 4.48 20.45
C SER A 271 18.31 3.05 20.11
N GLU A 272 17.36 2.10 19.86
CA GLU A 272 17.70 0.72 19.52
C GLU A 272 18.69 0.68 18.35
N SER A 273 19.84 0.05 18.57
CA SER A 273 20.90 -0.01 17.55
C SER A 273 20.97 -1.37 16.83
N ASN A 274 20.24 -2.37 17.34
CA ASN A 274 20.23 -3.70 16.74
C ASN A 274 19.12 -3.91 15.76
N VAL A 275 19.38 -4.83 14.85
CA VAL A 275 18.44 -5.24 13.84
C VAL A 275 18.70 -6.74 13.58
N THR A 276 17.69 -7.50 13.19
CA THR A 276 17.87 -8.92 12.92
C THR A 276 17.23 -9.28 11.59
N ILE A 277 18.02 -9.83 10.67
CA ILE A 277 17.51 -10.32 9.39
C ILE A 277 17.09 -11.78 9.61
N LEU A 278 15.86 -12.11 9.25
CA LEU A 278 15.27 -13.43 9.46
C LEU A 278 15.28 -14.35 8.23
N GLY A 279 15.11 -13.77 7.05
CA GLY A 279 15.05 -14.54 5.82
C GLY A 279 14.86 -13.66 4.62
N ARG A 280 14.82 -14.29 3.45
CA ARG A 280 14.73 -13.61 2.17
C ARG A 280 13.86 -14.38 1.21
N PHE A 281 12.95 -13.69 0.51
CA PHE A 281 12.10 -14.29 -0.51
C PHE A 281 12.81 -13.85 -1.78
N ASP A 282 13.51 -14.79 -2.43
CA ASP A 282 14.33 -14.47 -3.60
C ASP A 282 13.58 -14.62 -4.93
N TYR A 283 13.97 -13.82 -5.91
CA TYR A 283 13.40 -13.79 -7.28
C TYR A 283 14.50 -13.31 -8.25
N SER A 284 14.13 -13.01 -9.51
CA SER A 284 15.08 -12.55 -10.52
C SER A 284 14.59 -11.30 -11.23
N GLN A 285 15.56 -10.51 -11.75
CA GLN A 285 15.37 -9.38 -12.65
C GLN A 285 14.30 -8.37 -12.22
N CYS A 286 14.48 -7.84 -11.02
CA CYS A 286 13.61 -6.78 -10.50
C CYS A 286 14.50 -5.82 -9.73
N ASP A 287 15.36 -5.13 -10.47
CA ASP A 287 16.32 -4.22 -9.86
C ASP A 287 16.26 -2.78 -10.38
N ILE A 288 15.11 -2.39 -10.98
CA ILE A 288 14.84 -1.01 -11.38
C ILE A 288 13.98 -0.41 -10.27
N TRP A 289 14.06 0.91 -10.09
CA TRP A 289 13.29 1.63 -9.06
C TRP A 289 11.80 1.53 -9.34
N TYR A 290 10.99 1.51 -8.25
CA TYR A 290 9.52 1.55 -8.24
C TYR A 290 8.87 0.27 -8.71
N MET A 291 9.08 -0.82 -7.93
CA MET A 291 8.50 -2.13 -8.23
C MET A 291 8.00 -2.64 -6.89
N ARG A 292 6.67 -2.70 -6.74
CA ARG A 292 6.08 -3.01 -5.45
C ARG A 292 5.56 -4.40 -5.31
N PHE A 293 5.73 -4.94 -4.09
CA PHE A 293 5.20 -6.24 -3.75
C PHE A 293 3.90 -6.04 -3.04
N SER A 294 3.05 -7.09 -3.05
CA SER A 294 1.74 -7.04 -2.39
C SER A 294 1.45 -8.33 -1.63
N MET A 295 0.45 -8.28 -0.78
CA MET A 295 -0.02 -9.43 -0.01
C MET A 295 -1.54 -9.48 -0.11
N ASP A 296 -2.14 -10.65 0.13
CA ASP A 296 -3.59 -10.77 0.13
C ASP A 296 -4.10 -10.29 1.51
N PHE A 297 -5.43 -10.21 1.71
CA PHE A 297 -5.99 -9.72 2.99
C PHE A 297 -5.53 -10.51 4.21
N TRP A 298 -5.53 -11.85 4.11
CA TRP A 298 -5.16 -12.72 5.22
C TRP A 298 -3.64 -12.85 5.40
N GLN A 299 -2.85 -12.26 4.49
CA GLN A 299 -1.38 -12.29 4.49
C GLN A 299 -0.87 -13.73 4.50
N LYS A 300 -1.36 -14.49 3.54
CA LYS A 300 -1.05 -15.89 3.29
C LYS A 300 -0.25 -15.98 2.00
N MET A 301 -0.40 -14.96 1.11
CA MET A 301 0.30 -14.92 -0.16
C MET A 301 1.03 -13.58 -0.34
N LEU A 302 2.21 -13.64 -0.95
CA LEU A 302 3.06 -12.50 -1.25
C LEU A 302 3.28 -12.52 -2.75
N ALA A 303 3.17 -11.35 -3.42
CA ALA A 303 3.40 -11.30 -4.86
C ALA A 303 4.23 -10.13 -5.27
N LEU A 304 5.04 -10.33 -6.31
CA LEU A 304 5.88 -9.30 -6.89
C LEU A 304 6.09 -9.54 -8.38
N GLY A 305 5.89 -8.49 -9.17
CA GLY A 305 6.15 -8.52 -10.60
C GLY A 305 7.57 -8.05 -10.86
N ASN A 306 8.20 -8.53 -11.93
CA ASN A 306 9.57 -8.17 -12.24
C ASN A 306 9.64 -7.37 -13.53
N GLN A 307 10.84 -6.91 -13.90
CA GLN A 307 10.98 -6.02 -15.04
C GLN A 307 10.88 -6.70 -16.42
N VAL A 308 10.68 -8.03 -16.47
CA VAL A 308 10.55 -8.74 -17.76
C VAL A 308 9.20 -9.52 -17.87
N GLY A 309 8.22 -9.16 -17.05
CA GLY A 309 6.86 -9.72 -17.12
C GLY A 309 6.56 -10.97 -16.33
N LYS A 310 7.43 -11.34 -15.40
CA LYS A 310 7.20 -12.52 -14.57
C LYS A 310 6.58 -12.09 -13.25
N LEU A 311 5.63 -12.89 -12.77
CA LEU A 311 4.92 -12.58 -11.54
C LEU A 311 5.25 -13.68 -10.54
N TYR A 312 6.04 -13.33 -9.52
CA TYR A 312 6.46 -14.24 -8.46
C TYR A 312 5.44 -14.26 -7.36
N VAL A 313 5.13 -15.44 -6.83
CA VAL A 313 4.15 -15.57 -5.75
C VAL A 313 4.79 -16.48 -4.71
N TRP A 314 4.60 -16.19 -3.40
CA TRP A 314 5.10 -17.04 -2.31
C TRP A 314 3.98 -17.33 -1.32
N ASP A 315 4.06 -18.49 -0.66
CA ASP A 315 3.15 -18.90 0.40
C ASP A 315 3.75 -18.39 1.72
N LEU A 316 3.08 -17.42 2.38
CA LEU A 316 3.56 -16.87 3.66
C LEU A 316 3.34 -17.83 4.84
N GLU A 317 2.71 -18.98 4.61
CA GLU A 317 2.51 -19.97 5.67
C GLU A 317 3.59 -21.07 5.65
N VAL A 318 4.58 -20.95 4.76
CA VAL A 318 5.71 -21.89 4.71
C VAL A 318 6.77 -21.15 5.53
N GLU A 319 7.23 -21.74 6.63
CA GLU A 319 8.20 -21.09 7.52
C GLU A 319 9.48 -20.54 6.85
N ASP A 320 10.12 -21.38 6.03
CA ASP A 320 11.36 -21.02 5.35
C ASP A 320 11.07 -20.27 4.05
N PRO A 321 11.41 -18.95 4.00
CA PRO A 321 11.16 -18.16 2.78
C PRO A 321 11.81 -18.72 1.52
N HIS A 322 12.99 -19.36 1.69
CA HIS A 322 13.74 -20.01 0.61
C HIS A 322 12.95 -21.14 -0.01
N LYS A 323 11.99 -21.75 0.75
CA LYS A 323 11.15 -22.88 0.32
C LYS A 323 9.66 -22.53 0.07
N ALA A 324 9.30 -21.24 0.18
CA ALA A 324 7.91 -20.77 0.09
C ALA A 324 7.45 -20.42 -1.34
N LYS A 325 8.31 -20.58 -2.35
CA LYS A 325 8.01 -20.19 -3.73
C LYS A 325 6.90 -20.97 -4.38
N CYS A 326 5.96 -20.26 -5.04
CA CYS A 326 4.88 -20.85 -5.84
C CYS A 326 5.39 -20.90 -7.27
N THR A 327 4.68 -21.61 -8.14
CA THR A 327 5.01 -21.61 -9.56
C THR A 327 4.88 -20.16 -10.05
N THR A 328 5.96 -19.65 -10.67
CA THR A 328 5.98 -18.28 -11.20
C THR A 328 4.93 -18.13 -12.29
N LEU A 329 4.21 -17.02 -12.28
CA LEU A 329 3.17 -16.77 -13.28
C LEU A 329 3.76 -16.03 -14.46
N THR A 330 3.77 -16.68 -15.65
CA THR A 330 4.31 -16.08 -16.88
C THR A 330 3.37 -16.28 -18.04
N HIS A 331 3.49 -15.42 -19.07
CA HIS A 331 2.76 -15.50 -20.32
C HIS A 331 3.67 -15.00 -21.44
N HIS A 332 3.68 -15.67 -22.61
CA HIS A 332 4.53 -15.26 -23.74
C HIS A 332 4.28 -13.81 -24.23
N LYS A 333 3.04 -13.29 -24.06
CA LYS A 333 2.71 -11.93 -24.46
C LYS A 333 2.94 -10.93 -23.34
N CYS A 334 3.33 -11.39 -22.15
CA CYS A 334 3.57 -10.49 -21.01
C CYS A 334 5.06 -10.35 -20.81
N GLY A 335 5.63 -9.31 -21.40
CA GLY A 335 7.09 -9.09 -21.34
C GLY A 335 7.53 -7.73 -20.82
N ALA A 336 6.59 -6.88 -20.42
CA ALA A 336 6.92 -5.53 -19.91
C ALA A 336 7.02 -5.55 -18.40
N ALA A 337 7.69 -4.56 -17.80
CA ALA A 337 7.86 -4.45 -16.33
C ALA A 337 6.50 -4.42 -15.62
N ILE A 338 6.30 -5.29 -14.61
CA ILE A 338 5.06 -5.31 -13.81
C ILE A 338 5.32 -4.43 -12.61
N ARG A 339 4.68 -3.25 -12.58
CA ARG A 339 4.91 -2.26 -11.53
C ARG A 339 4.27 -2.63 -10.19
N GLN A 340 3.05 -3.13 -10.26
CA GLN A 340 2.32 -3.49 -9.04
C GLN A 340 1.28 -4.54 -9.38
N THR A 341 0.88 -5.30 -8.36
CA THR A 341 -0.11 -6.36 -8.42
C THR A 341 -1.09 -6.13 -7.27
N SER A 342 -2.28 -6.66 -7.43
CA SER A 342 -3.34 -6.56 -6.41
C SER A 342 -4.20 -7.82 -6.40
N PHE A 343 -4.39 -8.39 -5.20
CA PHE A 343 -5.26 -9.54 -4.97
C PHE A 343 -6.65 -9.01 -4.64
N SER A 344 -7.73 -9.70 -5.06
CA SER A 344 -9.09 -9.33 -4.64
C SER A 344 -9.17 -9.68 -3.14
N ARG A 345 -10.13 -9.13 -2.39
CA ARG A 345 -10.24 -9.40 -0.95
C ARG A 345 -10.33 -10.90 -0.60
N ASP A 346 -11.04 -11.69 -1.42
CA ASP A 346 -11.20 -13.14 -1.20
C ASP A 346 -10.02 -13.96 -1.75
N SER A 347 -8.97 -13.28 -2.31
CA SER A 347 -7.75 -13.93 -2.86
C SER A 347 -8.04 -14.81 -4.10
N SER A 348 -9.22 -14.72 -4.71
CA SER A 348 -9.57 -15.54 -5.86
C SER A 348 -8.95 -14.99 -7.16
N ILE A 349 -8.64 -13.67 -7.21
CA ILE A 349 -8.06 -13.02 -8.40
C ILE A 349 -6.81 -12.21 -8.04
N LEU A 350 -5.81 -12.22 -8.91
CA LEU A 350 -4.59 -11.45 -8.80
C LEU A 350 -4.47 -10.66 -10.12
N ILE A 351 -4.40 -9.33 -10.02
CA ILE A 351 -4.24 -8.46 -11.18
C ILE A 351 -2.85 -7.89 -11.17
N ALA A 352 -2.21 -7.80 -12.36
CA ALA A 352 -0.90 -7.19 -12.57
C ALA A 352 -1.04 -6.09 -13.63
N VAL A 353 -0.31 -4.98 -13.46
CA VAL A 353 -0.30 -3.85 -14.40
C VAL A 353 1.15 -3.58 -14.80
N CYS A 354 1.37 -3.19 -16.08
CA CYS A 354 2.68 -3.05 -16.73
C CYS A 354 3.01 -1.71 -17.34
N ASP A 355 4.33 -1.54 -17.65
CA ASP A 355 4.87 -0.39 -18.36
C ASP A 355 4.33 -0.21 -19.76
N ASP A 356 3.83 -1.30 -20.41
CA ASP A 356 3.27 -1.19 -21.79
C ASP A 356 1.75 -0.95 -21.81
N ALA A 357 1.16 -0.52 -20.67
CA ALA A 357 -0.28 -0.23 -20.45
C ALA A 357 -1.17 -1.47 -20.37
N SER A 358 -0.56 -2.66 -20.25
CA SER A 358 -1.33 -3.90 -20.19
C SER A 358 -1.72 -4.27 -18.76
N ILE A 359 -2.85 -4.98 -18.63
CA ILE A 359 -3.47 -5.48 -17.40
C ILE A 359 -3.61 -7.00 -17.58
N TRP A 360 -3.17 -7.77 -16.57
CA TRP A 360 -3.16 -9.24 -16.60
C TRP A 360 -4.00 -9.83 -15.47
N ARG A 361 -4.93 -10.71 -15.82
CA ARG A 361 -5.81 -11.31 -14.83
C ARG A 361 -5.47 -12.76 -14.61
N TRP A 362 -5.11 -13.10 -13.37
CA TRP A 362 -4.74 -14.42 -12.90
C TRP A 362 -5.75 -14.88 -11.88
N ASP A 363 -6.48 -15.94 -12.21
CA ASP A 363 -7.47 -16.50 -11.31
C ASP A 363 -6.91 -17.69 -10.58
N ARG A 364 -7.13 -17.75 -9.28
CA ARG A 364 -6.59 -18.84 -8.46
C ARG A 364 -7.38 -20.12 -8.54
N LEU A 365 -6.68 -21.27 -8.64
CA LEU A 365 -7.33 -22.59 -8.65
C LEU A 365 -7.64 -22.97 -7.20
N ARG A 366 -8.58 -23.92 -6.96
CA ARG A 366 -8.92 -24.34 -5.59
C ARG A 366 -8.16 -25.60 -5.16
N MET B 1 9.55 -17.87 16.42
CA MET B 1 9.17 -16.57 15.85
C MET B 1 8.00 -16.65 14.87
N PHE B 2 8.10 -17.54 13.85
CA PHE B 2 7.12 -17.76 12.80
C PHE B 2 5.73 -18.07 13.34
N SER B 3 5.62 -19.08 14.24
CA SER B 3 4.34 -19.51 14.82
C SER B 3 3.61 -18.42 15.62
N SER B 4 4.33 -17.70 16.49
CA SER B 4 3.71 -16.63 17.29
C SER B 4 3.38 -15.42 16.41
N ASN B 5 4.18 -15.20 15.33
CA ASN B 5 3.92 -14.10 14.39
C ASN B 5 2.68 -14.41 13.55
N ARG B 6 2.53 -15.67 13.11
CA ARG B 6 1.36 -16.14 12.37
C ARG B 6 0.07 -16.02 13.20
N GLN B 7 0.15 -16.30 14.52
CA GLN B 7 -1.00 -16.18 15.44
C GLN B 7 -1.38 -14.71 15.57
N LYS B 8 -0.38 -13.81 15.62
CA LYS B 8 -0.64 -12.36 15.70
C LYS B 8 -1.37 -11.89 14.47
N ILE B 9 -0.95 -12.37 13.28
CA ILE B 9 -1.57 -12.07 11.99
C ILE B 9 -3.03 -12.55 11.97
N LEU B 10 -3.25 -13.83 12.35
CA LEU B 10 -4.57 -14.45 12.39
C LEU B 10 -5.53 -13.62 13.25
N GLU B 11 -5.15 -13.35 14.50
CA GLU B 11 -5.95 -12.60 15.46
C GLU B 11 -6.25 -11.19 15.00
N ARG B 12 -5.20 -10.45 14.55
CA ARG B 12 -5.38 -9.07 14.12
C ARG B 12 -6.17 -8.94 12.81
N THR B 13 -5.95 -9.83 11.82
CA THR B 13 -6.72 -9.77 10.59
C THR B 13 -8.20 -10.19 10.87
N GLU B 14 -8.44 -11.11 11.81
CA GLU B 14 -9.80 -11.53 12.17
C GLU B 14 -10.59 -10.34 12.77
N ILE B 15 -9.90 -9.46 13.53
CA ILE B 15 -10.51 -8.25 14.08
C ILE B 15 -10.91 -7.32 12.91
N LEU B 16 -10.00 -7.13 11.94
CA LEU B 16 -10.28 -6.32 10.74
C LEU B 16 -11.43 -6.95 9.94
N ASN B 17 -11.44 -8.29 9.83
CA ASN B 17 -12.48 -8.97 9.07
C ASN B 17 -13.86 -8.81 9.74
N GLN B 18 -13.91 -8.88 11.08
CA GLN B 18 -15.16 -8.69 11.82
C GLN B 18 -15.68 -7.27 11.64
N GLU B 19 -14.77 -6.27 11.66
CA GLU B 19 -15.10 -4.87 11.41
C GLU B 19 -15.67 -4.70 9.99
N TRP B 20 -15.07 -5.37 8.99
CA TRP B 20 -15.55 -5.33 7.59
C TRP B 20 -16.96 -5.97 7.48
N LYS B 21 -17.18 -7.12 8.16
CA LYS B 21 -18.47 -7.84 8.15
C LYS B 21 -19.64 -6.98 8.64
N GLN B 22 -19.39 -6.07 9.61
CA GLN B 22 -20.39 -5.15 10.13
C GLN B 22 -20.72 -3.99 9.14
N ARG B 23 -19.93 -3.83 8.05
CA ARG B 23 -20.10 -2.74 7.07
C ARG B 23 -20.92 -3.09 5.84
N ARG B 24 -21.61 -2.08 5.30
CA ARG B 24 -22.43 -2.21 4.10
C ARG B 24 -22.07 -1.05 3.15
N ILE B 25 -20.85 -1.10 2.59
CA ILE B 25 -20.35 -0.07 1.67
C ILE B 25 -21.06 -0.21 0.34
N GLN B 26 -21.56 0.93 -0.16
CA GLN B 26 -22.27 1.03 -1.43
C GLN B 26 -21.38 0.52 -2.58
N PRO B 27 -21.89 -0.36 -3.49
CA PRO B 27 -21.01 -0.83 -4.60
C PRO B 27 -20.71 0.29 -5.60
N VAL B 28 -19.55 0.18 -6.28
CA VAL B 28 -19.12 1.13 -7.30
C VAL B 28 -20.00 0.95 -8.56
C1 GOL C . 13.44 10.84 -10.97
O1 GOL C . 13.04 10.49 -12.28
C2 GOL C . 13.35 9.64 -10.05
O2 GOL C . 12.00 9.17 -10.02
C3 GOL C . 13.83 9.93 -8.65
O3 GOL C . 12.90 10.72 -7.93
C1 73K D . 6.87 4.94 -11.00
C2 73K D . 7.67 5.93 -11.48
C3 73K D . 7.96 7.03 -10.54
C12 73K D . 7.98 8.09 -8.77
C13 73K D . 6.33 4.02 -6.15
C14 73K D . 6.51 2.73 -6.44
C15 73K D . 7.42 2.27 -5.37
C16 73K D . 7.60 3.38 -4.62
C18 73K D . 7.91 7.08 -13.70
C19 73K D . 8.26 7.08 -15.07
C20 73K D . 8.79 5.91 -15.64
C21 73K D . 8.95 4.74 -14.86
C22 73K D . 8.65 4.74 -13.50
C25 73K D . 10.61 6.98 -17.40
N4 73K D . 7.48 7.01 -9.32
C5 73K D . 6.72 6.03 -8.83
N6 73K D . 6.44 5.03 -9.63
C7 73K D . 8.11 5.93 -12.92
N8 73K D . 6.30 6.05 -7.58
C9 73K D . 5.48 5.02 -6.93
N10 73K D . 8.70 8.05 -10.79
N11 73K D . 8.71 8.78 -9.56
O17 73K D . 6.97 4.49 -5.05
S23 73K D . 9.19 5.87 -17.37
O24 73K D . 8.09 6.49 -18.11
O26 73K D . 9.56 4.52 -17.76
#